data_3NVO
#
_entry.id   3NVO
#
_cell.length_a   45.039
_cell.length_b   93.845
_cell.length_c   68.231
_cell.angle_alpha   90.00
_cell.angle_beta   91.58
_cell.angle_gamma   90.00
#
_symmetry.space_group_name_H-M   'P 1 21 1'
#
loop_
_entity.id
_entity.type
_entity.pdbx_description
1 polymer 'Zinc transport protein zntB'
2 non-polymer 'SULFATE ION'
3 non-polymer 'ZINC ION'
4 water water
#
_entity_poly.entity_id   1
_entity_poly.type   'polypeptide(L)'
_entity_poly.pdbx_seq_one_letter_code
;GHMEAIKGSDVNVPDAVFAWLLDGRGGVKPLEDNDVIDSQHPCWLHLNYTHPDSARWLASTPLLPNNVRDALAGESSRPR
VSRMGEGTLITLRCINGSTDERPDQLVAMRLYMDERFIVSTRQRKVLALDDVVSDLQEGTGPVDCGGWLVDVCDALTDHA
SEFIEELHDKIIDLEDNLLDQQIPPRGFLALLRKQLIVMRRYMAPQRDVYARLASERLPWMSDDHRRRMQDIADRLGRGL
DEIDACIARTGIMADEIAQVMQES
;
_entity_poly.pdbx_strand_id   A,B
#
loop_
_chem_comp.id
_chem_comp.type
_chem_comp.name
_chem_comp.formula
SO4 non-polymer 'SULFATE ION' 'O4 S -2'
ZN non-polymer 'ZINC ION' 'Zn 2'
#
# COMPACT_ATOMS: atom_id res chain seq x y z
N GLY A 1 -16.01 -29.24 14.01
CA GLY A 1 -15.33 -29.72 15.20
C GLY A 1 -14.93 -31.18 15.12
N HIS A 2 -15.03 -31.74 13.92
CA HIS A 2 -14.64 -33.12 13.67
C HIS A 2 -13.13 -33.31 13.79
N MET A 3 -12.41 -32.20 13.97
CA MET A 3 -10.95 -32.27 14.07
C MET A 3 -10.48 -32.15 15.52
N GLU A 4 -9.28 -32.66 15.79
CA GLU A 4 -8.69 -32.61 17.11
C GLU A 4 -8.07 -31.24 17.39
N ALA A 5 -8.18 -30.79 18.64
CA ALA A 5 -7.69 -29.47 19.02
C ALA A 5 -6.16 -29.39 19.03
N ILE A 6 -5.67 -28.16 19.00
CA ILE A 6 -4.24 -27.87 18.98
C ILE A 6 -3.82 -27.09 20.22
N LYS A 7 -2.64 -27.41 20.75
CA LYS A 7 -2.04 -26.66 21.85
C LYS A 7 -1.44 -25.35 21.31
N GLY A 8 -1.53 -24.28 22.09
CA GLY A 8 -0.97 -23.01 21.70
C GLY A 8 0.53 -23.16 21.48
N SER A 9 1.20 -23.76 22.46
CA SER A 9 2.64 -23.99 22.37
C SER A 9 3.06 -24.62 21.04
N ASP A 10 2.17 -25.40 20.43
CA ASP A 10 2.49 -26.10 19.19
C ASP A 10 2.60 -25.19 17.98
N VAL A 11 1.96 -24.02 18.04
CA VAL A 11 2.06 -23.04 16.97
C VAL A 11 2.56 -21.68 17.48
N ASN A 12 3.16 -21.64 18.66
CA ASN A 12 3.67 -20.39 19.17
C ASN A 12 5.11 -20.11 18.73
N VAL A 13 5.24 -19.65 17.48
CA VAL A 13 6.53 -19.30 16.89
C VAL A 13 6.91 -17.88 17.33
N PRO A 14 8.08 -17.72 17.96
CA PRO A 14 8.49 -16.47 18.60
C PRO A 14 8.66 -15.31 17.63
N ASP A 15 9.26 -15.56 16.47
CA ASP A 15 9.54 -14.50 15.51
C ASP A 15 8.48 -14.37 14.42
N ALA A 16 7.26 -14.83 14.72
CA ALA A 16 6.18 -14.71 13.75
C ALA A 16 5.79 -13.25 13.58
N VAL A 17 5.43 -12.88 12.35
CA VAL A 17 4.88 -11.55 12.12
C VAL A 17 3.61 -11.39 12.95
N PHE A 18 2.72 -12.37 12.88
CA PHE A 18 1.48 -12.39 13.66
C PHE A 18 1.23 -13.78 14.18
N ALA A 19 0.81 -13.87 15.44
CA ALA A 19 0.35 -15.13 16.02
C ALA A 19 -0.91 -14.81 16.82
N TRP A 20 -2.06 -15.06 16.21
CA TRP A 20 -3.32 -14.58 16.75
C TRP A 20 -4.35 -15.68 16.89
N LEU A 21 -5.25 -15.51 17.84
CA LEU A 21 -6.47 -16.30 17.91
C LEU A 21 -7.60 -15.35 17.57
N LEU A 22 -8.50 -15.77 16.69
CA LEU A 22 -9.66 -14.94 16.40
C LEU A 22 -10.64 -15.07 17.56
N ASP A 23 -11.21 -13.96 18.01
CA ASP A 23 -12.10 -14.02 19.17
C ASP A 23 -13.52 -14.38 18.77
N GLY A 24 -13.73 -14.59 17.48
CA GLY A 24 -15.02 -15.05 16.99
C GLY A 24 -16.04 -13.92 16.92
N ARG A 25 -15.59 -12.70 17.17
CA ARG A 25 -16.47 -11.55 17.11
C ARG A 25 -15.88 -10.42 16.28
N GLY A 26 -14.87 -10.73 15.49
CA GLY A 26 -14.30 -9.76 14.58
C GLY A 26 -12.91 -9.28 14.98
N GLY A 27 -12.49 -9.63 16.19
CA GLY A 27 -11.19 -9.23 16.68
C GLY A 27 -10.24 -10.39 16.93
N VAL A 28 -9.13 -10.10 17.60
CA VAL A 28 -8.07 -11.07 17.83
C VAL A 28 -7.49 -10.90 19.23
N LYS A 29 -6.87 -11.96 19.73
CA LYS A 29 -6.12 -11.89 20.98
C LYS A 29 -4.78 -12.60 20.74
N PRO A 30 -3.76 -12.23 21.52
CA PRO A 30 -2.43 -12.83 21.34
C PRO A 30 -2.44 -14.32 21.60
N LEU A 31 -1.87 -15.10 20.69
CA LEU A 31 -1.73 -16.52 20.92
C LEU A 31 -0.85 -16.74 22.15
N GLU A 32 -1.13 -17.79 22.89
CA GLU A 32 -0.34 -18.15 24.08
C GLU A 32 -0.19 -19.66 24.16
N ASP A 33 0.92 -20.10 24.75
CA ASP A 33 1.22 -21.53 24.84
C ASP A 33 0.06 -22.36 25.41
N ASN A 34 -0.71 -21.78 26.32
CA ASN A 34 -1.79 -22.52 26.97
C ASN A 34 -3.16 -22.40 26.31
N ASP A 35 -3.28 -21.55 25.31
CA ASP A 35 -4.53 -21.45 24.57
C ASP A 35 -4.84 -22.80 23.93
N VAL A 36 -6.12 -23.08 23.76
CA VAL A 36 -6.54 -24.26 23.01
C VAL A 36 -7.17 -23.82 21.69
N ILE A 37 -6.61 -24.31 20.59
CA ILE A 37 -7.04 -23.90 19.26
C ILE A 37 -8.00 -24.94 18.69
N ASP A 38 -9.24 -24.52 18.46
CA ASP A 38 -10.23 -25.35 17.82
C ASP A 38 -11.00 -24.47 16.84
N SER A 39 -11.95 -25.07 16.12
CA SER A 39 -12.73 -24.36 15.12
C SER A 39 -13.51 -23.14 15.66
N GLN A 40 -13.74 -23.07 16.97
CA GLN A 40 -14.35 -21.87 17.54
C GLN A 40 -13.29 -20.86 17.98
N HIS A 41 -12.04 -21.30 18.04
CA HIS A 41 -10.94 -20.41 18.40
C HIS A 41 -9.78 -20.62 17.46
N PRO A 42 -9.97 -20.26 16.17
CA PRO A 42 -8.97 -20.54 15.17
C PRO A 42 -7.71 -19.71 15.42
N CYS A 43 -6.56 -20.23 15.03
CA CYS A 43 -5.32 -19.46 15.09
C CYS A 43 -4.89 -19.03 13.68
N TRP A 44 -4.53 -17.76 13.56
CA TRP A 44 -3.87 -17.29 12.33
C TRP A 44 -2.40 -17.01 12.63
N LEU A 45 -1.52 -17.83 12.07
CA LEU A 45 -0.10 -17.66 12.22
C LEU A 45 0.48 -17.13 10.91
N HIS A 46 1.02 -15.92 10.96
CA HIS A 46 1.59 -15.32 9.76
C HIS A 46 3.10 -15.17 9.90
N LEU A 47 3.83 -15.72 8.94
CA LEU A 47 5.28 -15.82 9.03
C LEU A 47 6.04 -15.18 7.86
N ASN A 48 7.16 -14.56 8.17
CA ASN A 48 8.18 -14.28 7.16
C ASN A 48 9.01 -15.55 7.02
N TYR A 49 8.81 -16.29 5.94
CA TYR A 49 9.42 -17.62 5.84
C TYR A 49 10.95 -17.56 5.78
N THR A 50 11.48 -16.34 5.89
CA THR A 50 12.90 -16.11 5.87
C THR A 50 13.49 -16.05 7.27
N HIS A 51 12.71 -15.58 8.24
CA HIS A 51 13.19 -15.52 9.61
C HIS A 51 13.52 -16.92 10.14
N PRO A 52 14.55 -17.01 11.00
CA PRO A 52 15.14 -18.25 11.49
C PRO A 52 14.11 -19.20 12.08
N ASP A 53 13.52 -18.80 13.19
CA ASP A 53 12.56 -19.62 13.92
C ASP A 53 11.41 -20.05 13.04
N SER A 54 11.02 -19.19 12.13
CA SER A 54 9.90 -19.46 11.24
C SER A 54 10.27 -20.56 10.26
N ALA A 55 11.47 -20.47 9.71
CA ALA A 55 11.93 -21.49 8.78
C ALA A 55 12.03 -22.85 9.46
N ARG A 56 12.52 -22.88 10.70
CA ARG A 56 12.65 -24.12 11.45
C ARG A 56 11.29 -24.75 11.75
N TRP A 57 10.36 -23.94 12.22
CA TRP A 57 9.00 -24.41 12.47
C TRP A 57 8.47 -25.03 11.20
N LEU A 58 8.38 -24.21 10.16
CA LEU A 58 7.96 -24.69 8.83
C LEU A 58 8.62 -26.01 8.44
N ALA A 59 9.88 -26.19 8.81
CA ALA A 59 10.66 -27.35 8.38
C ALA A 59 10.42 -28.63 9.21
N SER A 60 9.90 -28.47 10.42
CA SER A 60 9.84 -29.59 11.37
C SER A 60 8.48 -29.90 11.98
N THR A 61 7.52 -28.99 11.88
CA THR A 61 6.26 -29.18 12.62
C THR A 61 5.38 -30.31 12.07
N PRO A 62 4.79 -31.11 12.99
CA PRO A 62 3.87 -32.21 12.68
C PRO A 62 2.53 -31.73 12.12
N LEU A 63 2.26 -30.45 12.27
CA LEU A 63 1.01 -29.85 11.82
C LEU A 63 0.95 -29.67 10.29
N LEU A 64 2.10 -29.81 9.63
CA LEU A 64 2.15 -29.69 8.18
C LEU A 64 2.52 -31.00 7.52
N PRO A 65 1.77 -31.40 6.48
CA PRO A 65 2.21 -32.50 5.61
C PRO A 65 3.60 -32.21 5.07
N ASN A 66 4.39 -33.24 4.83
CA ASN A 66 5.75 -33.05 4.37
C ASN A 66 5.83 -32.32 3.03
N ASN A 67 4.82 -32.50 2.20
CA ASN A 67 4.84 -32.01 0.83
C ASN A 67 4.49 -30.53 0.66
N VAL A 68 4.03 -29.88 1.72
CA VAL A 68 3.70 -28.46 1.63
C VAL A 68 4.77 -27.57 2.27
N ARG A 69 5.68 -28.18 3.01
CA ARG A 69 6.72 -27.44 3.71
C ARG A 69 7.54 -26.56 2.77
N ASP A 70 7.85 -27.09 1.59
CA ASP A 70 8.66 -26.37 0.62
C ASP A 70 7.87 -25.20 0.03
N ALA A 71 6.64 -25.45 -0.38
CA ALA A 71 5.78 -24.40 -0.92
C ALA A 71 5.74 -23.21 0.04
N LEU A 72 5.36 -23.46 1.28
CA LEU A 72 5.25 -22.41 2.29
C LEU A 72 6.58 -21.71 2.54
N ALA A 73 7.66 -22.41 2.22
CA ALA A 73 8.99 -21.85 2.37
C ALA A 73 9.37 -21.00 1.16
N GLY A 74 8.42 -20.85 0.23
CA GLY A 74 8.59 -19.96 -0.91
C GLY A 74 8.59 -20.66 -2.26
N GLU A 75 8.62 -22.00 -2.24
CA GLU A 75 8.77 -22.78 -3.46
C GLU A 75 7.45 -22.95 -4.21
N SER A 76 6.78 -21.84 -4.50
CA SER A 76 5.55 -21.88 -5.30
C SER A 76 5.36 -20.57 -6.04
N SER A 77 4.83 -20.65 -7.26
CA SER A 77 4.66 -19.47 -8.07
C SER A 77 3.21 -19.26 -8.52
N ARG A 78 2.70 -20.21 -9.30
CA ARG A 78 1.40 -20.04 -9.94
C ARG A 78 0.26 -20.07 -8.94
N PRO A 79 -0.66 -19.10 -9.04
CA PRO A 79 -1.85 -19.14 -8.19
C PRO A 79 -2.53 -20.50 -8.32
N ARG A 80 -2.82 -21.13 -7.18
CA ARG A 80 -3.27 -22.52 -7.16
C ARG A 80 -3.88 -22.91 -5.83
N VAL A 81 -4.83 -23.84 -5.87
CA VAL A 81 -5.35 -24.45 -4.65
C VAL A 81 -5.16 -25.98 -4.75
N SER A 82 -4.83 -26.59 -3.61
CA SER A 82 -4.63 -28.03 -3.55
C SER A 82 -5.16 -28.55 -2.22
N ARG A 83 -5.48 -29.85 -2.18
CA ARG A 83 -6.01 -30.43 -0.96
C ARG A 83 -5.18 -31.61 -0.48
N MET A 84 -4.71 -31.51 0.76
CA MET A 84 -3.86 -32.52 1.36
C MET A 84 -4.59 -33.18 2.52
N GLY A 85 -5.73 -33.78 2.22
CA GLY A 85 -6.54 -34.43 3.25
C GLY A 85 -7.49 -33.45 3.89
N GLU A 86 -7.28 -33.18 5.18
CA GLU A 86 -8.08 -32.21 5.90
C GLU A 86 -7.69 -30.79 5.52
N GLY A 87 -6.46 -30.62 5.09
CA GLY A 87 -5.90 -29.30 4.82
C GLY A 87 -5.96 -28.83 3.39
N THR A 88 -5.76 -27.52 3.19
CA THR A 88 -5.85 -26.91 1.88
C THR A 88 -4.65 -25.98 1.67
N LEU A 89 -3.89 -26.22 0.60
CA LEU A 89 -2.73 -25.39 0.29
C LEU A 89 -3.05 -24.39 -0.81
N ILE A 90 -2.86 -23.10 -0.53
CA ILE A 90 -3.20 -22.06 -1.48
C ILE A 90 -2.06 -21.05 -1.73
N THR A 91 -1.73 -20.86 -3.00
CA THR A 91 -0.80 -19.80 -3.42
C THR A 91 -1.60 -18.71 -4.10
N LEU A 92 -1.39 -17.46 -3.70
CA LEU A 92 -2.06 -16.33 -4.34
C LEU A 92 -1.07 -15.21 -4.67
N ARG A 93 -1.40 -14.42 -5.69
CA ARG A 93 -0.57 -13.28 -6.07
C ARG A 93 -1.26 -11.93 -5.86
N CYS A 94 -0.45 -10.94 -5.55
CA CYS A 94 -0.89 -9.55 -5.43
C CYS A 94 -0.10 -8.74 -6.45
N ILE A 95 -0.58 -7.54 -6.77
CA ILE A 95 0.13 -6.64 -7.66
C ILE A 95 0.82 -5.51 -6.88
N LEU A 106 5.45 -9.85 -9.05
CA LEU A 106 4.21 -9.84 -8.27
C LEU A 106 4.35 -10.65 -6.98
N VAL A 107 4.20 -9.97 -5.84
CA VAL A 107 4.34 -10.61 -4.53
C VAL A 107 3.36 -11.78 -4.36
N ALA A 108 3.72 -12.70 -3.48
CA ALA A 108 2.98 -13.95 -3.36
C ALA A 108 2.60 -14.24 -1.92
N MET A 109 1.42 -14.83 -1.75
CA MET A 109 0.95 -15.25 -0.45
C MET A 109 0.67 -16.74 -0.48
N ARG A 110 1.27 -17.47 0.46
CA ARG A 110 1.12 -18.91 0.50
C ARG A 110 0.54 -19.32 1.84
N LEU A 111 -0.57 -20.05 1.80
CA LEU A 111 -1.20 -20.47 3.05
C LEU A 111 -1.59 -21.94 3.08
N TYR A 112 -1.46 -22.55 4.25
CA TYR A 112 -2.06 -23.84 4.52
C TYR A 112 -3.05 -23.67 5.67
N MET A 113 -4.28 -24.12 5.46
CA MET A 113 -5.30 -23.90 6.47
C MET A 113 -6.30 -25.05 6.57
N ASP A 114 -6.83 -25.23 7.78
CA ASP A 114 -8.02 -26.06 7.96
C ASP A 114 -8.94 -25.36 8.94
N GLU A 115 -9.92 -26.07 9.46
CA GLU A 115 -10.95 -25.44 10.29
C GLU A 115 -10.37 -24.82 11.55
N ARG A 116 -9.21 -25.29 11.98
CA ARG A 116 -8.64 -24.87 13.25
C ARG A 116 -7.64 -23.72 13.13
N PHE A 117 -6.92 -23.68 12.00
CA PHE A 117 -5.84 -22.74 11.93
C PHE A 117 -5.37 -22.44 10.51
N ILE A 118 -4.72 -21.29 10.38
CA ILE A 118 -4.15 -20.83 9.13
C ILE A 118 -2.67 -20.56 9.37
N VAL A 119 -1.81 -21.07 8.51
CA VAL A 119 -0.45 -20.60 8.50
C VAL A 119 -0.16 -20.01 7.13
N SER A 120 0.08 -18.70 7.10
CA SER A 120 0.44 -18.06 5.85
C SER A 120 1.87 -17.55 5.95
N THR A 121 2.54 -17.50 4.81
CA THR A 121 3.93 -17.08 4.77
C THR A 121 4.16 -16.14 3.59
N ARG A 122 5.12 -15.23 3.75
CA ARG A 122 5.58 -14.40 2.65
C ARG A 122 7.00 -13.90 2.95
N GLN A 123 7.60 -13.23 1.99
CA GLN A 123 8.84 -12.51 2.25
C GLN A 123 8.54 -11.03 2.16
N ARG A 124 8.13 -10.61 0.96
CA ARG A 124 7.71 -9.24 0.75
C ARG A 124 6.28 -9.07 1.25
N LYS A 125 6.02 -7.94 1.89
CA LYS A 125 4.70 -7.68 2.47
C LYS A 125 3.57 -7.72 1.45
N VAL A 126 2.43 -8.26 1.89
CA VAL A 126 1.24 -8.35 1.07
C VAL A 126 0.28 -7.25 1.53
N LEU A 127 0.12 -6.22 0.70
CA LEU A 127 -0.67 -5.04 1.07
C LEU A 127 -2.12 -5.41 1.38
N ALA A 128 -2.59 -6.50 0.78
CA ALA A 128 -3.92 -7.01 1.02
C ALA A 128 -4.13 -7.47 2.46
N LEU A 129 -3.12 -8.12 3.05
CA LEU A 129 -3.25 -8.60 4.42
C LEU A 129 -3.40 -7.48 5.45
N ASP A 130 -2.92 -6.28 5.11
CA ASP A 130 -2.98 -5.18 6.05
C ASP A 130 -4.41 -4.68 6.23
N ASP A 131 -5.22 -4.84 5.19
CA ASP A 131 -6.65 -4.58 5.28
C ASP A 131 -7.31 -5.48 6.33
N VAL A 132 -6.93 -6.76 6.30
CA VAL A 132 -7.52 -7.74 7.19
C VAL A 132 -7.00 -7.54 8.61
N VAL A 133 -5.69 -7.28 8.74
CA VAL A 133 -5.10 -7.01 10.03
C VAL A 133 -5.74 -5.78 10.67
N SER A 134 -5.95 -4.73 9.88
CA SER A 134 -6.56 -3.51 10.40
C SER A 134 -7.99 -3.76 10.89
N ASP A 135 -8.77 -4.47 10.09
CA ASP A 135 -10.14 -4.81 10.48
C ASP A 135 -10.15 -5.63 11.78
N LEU A 136 -9.30 -6.65 11.84
CA LEU A 136 -9.15 -7.42 13.06
C LEU A 136 -8.78 -6.56 14.27
N GLN A 137 -7.81 -5.66 14.10
CA GLN A 137 -7.39 -4.75 15.19
C GLN A 137 -8.56 -3.88 15.62
N GLU A 138 -9.44 -3.58 14.67
CA GLU A 138 -10.58 -2.72 14.93
C GLU A 138 -11.77 -3.51 15.46
N GLY A 139 -11.63 -4.82 15.52
CA GLY A 139 -12.71 -5.68 15.97
C GLY A 139 -13.78 -5.87 14.89
N THR A 140 -13.39 -5.69 13.64
CA THR A 140 -14.37 -5.83 12.55
C THR A 140 -13.92 -6.78 11.44
N GLY A 141 -13.01 -7.70 11.77
CA GLY A 141 -12.50 -8.66 10.81
C GLY A 141 -13.24 -9.99 10.77
N PRO A 142 -12.61 -11.01 10.18
CA PRO A 142 -13.18 -12.36 10.06
C PRO A 142 -13.42 -13.00 11.42
N VAL A 143 -14.48 -13.81 11.56
CA VAL A 143 -14.77 -14.45 12.84
C VAL A 143 -14.34 -15.92 12.83
N ASP A 144 -14.08 -16.46 11.64
CA ASP A 144 -13.61 -17.83 11.50
C ASP A 144 -12.71 -18.00 10.29
N CYS A 145 -12.22 -19.21 10.10
CA CYS A 145 -11.27 -19.48 9.02
C CYS A 145 -11.87 -19.21 7.63
N GLY A 146 -13.11 -19.62 7.44
CA GLY A 146 -13.79 -19.41 6.17
C GLY A 146 -13.96 -17.94 5.86
N GLY A 147 -14.35 -17.15 6.85
CA GLY A 147 -14.53 -15.73 6.67
C GLY A 147 -13.22 -14.99 6.45
N TRP A 148 -12.12 -15.60 6.89
CA TRP A 148 -10.79 -15.01 6.76
C TRP A 148 -10.31 -15.10 5.32
N LEU A 149 -10.39 -16.30 4.75
CA LEU A 149 -9.96 -16.53 3.38
C LEU A 149 -10.80 -15.67 2.45
N VAL A 150 -12.11 -15.63 2.68
CA VAL A 150 -12.97 -14.77 1.89
C VAL A 150 -12.56 -13.30 1.98
N ASP A 151 -12.19 -12.82 3.16
CA ASP A 151 -11.84 -11.40 3.29
C ASP A 151 -10.51 -11.09 2.61
N VAL A 152 -9.61 -12.07 2.63
CA VAL A 152 -8.31 -11.97 2.01
C VAL A 152 -8.46 -11.92 0.49
N CYS A 153 -9.23 -12.87 -0.07
CA CYS A 153 -9.45 -12.92 -1.51
C CYS A 153 -10.22 -11.70 -2.00
N ASP A 154 -11.04 -11.13 -1.12
CA ASP A 154 -11.77 -9.92 -1.43
C ASP A 154 -10.84 -8.71 -1.49
N ALA A 155 -9.89 -8.65 -0.54
CA ALA A 155 -8.95 -7.54 -0.50
C ALA A 155 -7.97 -7.59 -1.68
N LEU A 156 -7.48 -8.77 -2.00
CA LEU A 156 -6.63 -8.97 -3.16
C LEU A 156 -7.34 -8.51 -4.44
N THR A 157 -8.65 -8.75 -4.50
CA THR A 157 -9.41 -8.40 -5.69
C THR A 157 -9.68 -6.90 -5.75
N ASP A 158 -9.83 -6.27 -4.59
CA ASP A 158 -9.98 -4.82 -4.53
C ASP A 158 -8.75 -4.16 -5.13
N HIS A 159 -7.58 -4.68 -4.76
CA HIS A 159 -6.32 -4.12 -5.21
C HIS A 159 -6.09 -4.38 -6.69
N ALA A 160 -6.43 -5.58 -7.15
CA ALA A 160 -6.24 -5.95 -8.54
C ALA A 160 -7.14 -5.09 -9.41
N SER A 161 -8.39 -4.94 -8.97
CA SER A 161 -9.36 -4.13 -9.67
C SER A 161 -8.92 -2.67 -9.79
N GLU A 162 -8.45 -2.10 -8.69
CA GLU A 162 -8.03 -0.70 -8.65
C GLU A 162 -6.89 -0.44 -9.61
N PHE A 163 -6.01 -1.43 -9.74
CA PHE A 163 -4.88 -1.30 -10.65
C PHE A 163 -5.34 -1.45 -12.08
N ILE A 164 -6.17 -2.45 -12.35
CA ILE A 164 -6.68 -2.65 -13.70
C ILE A 164 -7.33 -1.38 -14.22
N GLU A 165 -8.11 -0.73 -13.37
CA GLU A 165 -8.78 0.52 -13.73
C GLU A 165 -7.80 1.67 -13.94
N GLU A 166 -6.67 1.64 -13.22
CA GLU A 166 -5.65 2.67 -13.39
C GLU A 166 -5.01 2.57 -14.77
N LEU A 167 -4.71 1.35 -15.19
CA LEU A 167 -4.16 1.10 -16.51
C LEU A 167 -5.16 1.52 -17.58
N HIS A 168 -6.43 1.30 -17.32
CA HIS A 168 -7.49 1.64 -18.27
C HIS A 168 -7.50 3.14 -18.51
N ASP A 169 -7.42 3.91 -17.43
CA ASP A 169 -7.45 5.37 -17.51
C ASP A 169 -6.23 5.96 -18.20
N LYS A 170 -5.04 5.46 -17.88
CA LYS A 170 -3.84 5.91 -18.56
C LYS A 170 -3.93 5.65 -20.06
N ILE A 171 -4.53 4.52 -20.43
CA ILE A 171 -4.68 4.13 -21.83
C ILE A 171 -5.70 5.00 -22.54
N ILE A 172 -6.85 5.20 -21.90
CA ILE A 172 -7.88 6.09 -22.42
C ILE A 172 -7.27 7.46 -22.64
N ASP A 173 -6.49 7.92 -21.68
CA ASP A 173 -5.81 9.20 -21.81
C ASP A 173 -4.95 9.20 -23.06
N LEU A 174 -4.18 8.12 -23.23
CA LEU A 174 -3.29 7.99 -24.38
C LEU A 174 -4.04 8.07 -25.71
N GLU A 175 -5.21 7.44 -25.77
CA GLU A 175 -6.00 7.44 -26.99
C GLU A 175 -6.19 8.85 -27.57
N ASP A 176 -5.84 9.87 -26.81
CA ASP A 176 -5.98 11.24 -27.26
C ASP A 176 -4.66 11.97 -27.11
N ASN A 177 -4.30 12.25 -25.86
CA ASN A 177 -3.10 13.00 -25.52
C ASN A 177 -1.94 12.09 -25.11
N GLN A 182 -1.83 13.56 -29.07
CA GLN A 182 -0.41 13.51 -29.39
C GLN A 182 0.11 12.08 -29.23
N ILE A 183 1.40 11.88 -29.55
CA ILE A 183 2.05 10.59 -29.37
C ILE A 183 2.57 10.45 -27.94
N PRO A 184 2.57 9.21 -27.42
CA PRO A 184 3.08 8.91 -26.08
C PRO A 184 4.60 9.02 -25.96
N PRO A 185 5.11 9.24 -24.74
CA PRO A 185 6.54 9.21 -24.42
C PRO A 185 7.15 7.85 -24.69
N ARG A 186 8.38 7.84 -25.19
CA ARG A 186 9.06 6.61 -25.62
C ARG A 186 9.06 5.52 -24.55
N GLY A 187 8.57 4.33 -24.92
CA GLY A 187 8.61 3.18 -24.04
C GLY A 187 7.39 3.00 -23.15
N PHE A 188 6.56 4.03 -23.06
CA PHE A 188 5.40 4.03 -22.18
C PHE A 188 4.32 3.03 -22.61
N LEU A 189 3.85 3.16 -23.85
CA LEU A 189 2.81 2.27 -24.35
C LEU A 189 3.30 0.84 -24.21
N ALA A 190 4.56 0.61 -24.54
CA ALA A 190 5.14 -0.72 -24.44
C ALA A 190 5.14 -1.21 -22.99
N LEU A 191 5.22 -0.26 -22.06
CA LEU A 191 5.19 -0.59 -20.63
C LEU A 191 3.80 -0.99 -20.15
N LEU A 192 2.77 -0.24 -20.56
CA LEU A 192 1.41 -0.55 -20.16
C LEU A 192 1.01 -1.94 -20.63
N ARG A 193 1.34 -2.22 -21.88
CA ARG A 193 1.08 -3.52 -22.49
C ARG A 193 1.72 -4.65 -21.71
N LYS A 194 2.98 -4.45 -21.33
CA LYS A 194 3.73 -5.45 -20.58
C LYS A 194 3.05 -5.75 -19.25
N GLN A 195 2.57 -4.70 -18.59
CA GLN A 195 1.91 -4.81 -17.29
C GLN A 195 0.56 -5.54 -17.40
N LEU A 196 -0.18 -5.23 -18.45
CA LEU A 196 -1.46 -5.89 -18.69
C LEU A 196 -1.26 -7.39 -18.89
N ILE A 197 -0.27 -7.73 -19.70
CA ILE A 197 0.07 -9.12 -19.99
C ILE A 197 0.52 -9.88 -18.75
N VAL A 198 1.23 -9.19 -17.86
CA VAL A 198 1.63 -9.80 -16.60
C VAL A 198 0.42 -10.00 -15.68
N MET A 199 -0.47 -9.01 -15.62
CA MET A 199 -1.73 -9.15 -14.88
C MET A 199 -2.53 -10.33 -15.40
N ARG A 200 -2.63 -10.45 -16.72
CA ARG A 200 -3.39 -11.52 -17.35
C ARG A 200 -2.81 -12.88 -16.99
N ARG A 201 -1.50 -13.00 -17.10
CA ARG A 201 -0.84 -14.27 -16.88
C ARG A 201 -1.14 -14.83 -15.49
N TYR A 202 -1.21 -13.97 -14.50
CA TYR A 202 -1.38 -14.44 -13.12
C TYR A 202 -2.80 -14.37 -12.60
N MET A 203 -3.61 -13.48 -13.15
CA MET A 203 -4.99 -13.32 -12.68
C MET A 203 -5.94 -14.38 -13.21
N ALA A 204 -5.66 -14.90 -14.40
CA ALA A 204 -6.49 -15.95 -14.97
C ALA A 204 -6.54 -17.21 -14.10
N PRO A 205 -5.36 -17.74 -13.71
CA PRO A 205 -5.27 -18.86 -12.77
C PRO A 205 -5.88 -18.53 -11.42
N GLN A 206 -5.57 -17.34 -10.91
CA GLN A 206 -6.07 -16.94 -9.59
C GLN A 206 -7.60 -16.87 -9.58
N ARG A 207 -8.16 -16.40 -10.68
CA ARG A 207 -9.60 -16.35 -10.83
C ARG A 207 -10.20 -17.76 -10.76
N ASP A 208 -9.44 -18.74 -11.22
CA ASP A 208 -9.89 -20.13 -11.16
C ASP A 208 -9.80 -20.68 -9.73
N VAL A 209 -8.83 -20.21 -8.97
CA VAL A 209 -8.74 -20.56 -7.57
C VAL A 209 -9.99 -20.09 -6.83
N TYR A 210 -10.40 -18.85 -7.10
CA TYR A 210 -11.59 -18.31 -6.45
C TYR A 210 -12.84 -19.12 -6.81
N ALA A 211 -12.94 -19.49 -8.08
CA ALA A 211 -14.11 -20.21 -8.57
C ALA A 211 -14.20 -21.61 -7.95
N ARG A 212 -13.05 -22.23 -7.70
CA ARG A 212 -12.99 -23.57 -7.12
C ARG A 212 -13.34 -23.55 -5.63
N LEU A 213 -12.81 -22.58 -4.90
CA LEU A 213 -13.16 -22.44 -3.49
C LEU A 213 -14.66 -22.21 -3.34
N ALA A 214 -15.26 -21.60 -4.35
CA ALA A 214 -16.67 -21.26 -4.32
C ALA A 214 -17.58 -22.46 -4.58
N SER A 215 -17.01 -23.55 -5.09
CA SER A 215 -17.83 -24.74 -5.36
C SER A 215 -17.35 -25.97 -4.58
N GLU A 216 -16.05 -26.06 -4.35
CA GLU A 216 -15.49 -27.14 -3.55
C GLU A 216 -16.23 -27.19 -2.23
N ARG A 217 -16.61 -28.38 -1.80
CA ARG A 217 -17.30 -28.53 -0.52
C ARG A 217 -16.28 -28.51 0.60
N LEU A 218 -16.06 -27.33 1.17
CA LEU A 218 -15.17 -27.22 2.31
C LEU A 218 -15.97 -27.14 3.59
N PRO A 219 -15.60 -27.96 4.57
CA PRO A 219 -16.31 -28.00 5.87
C PRO A 219 -16.32 -26.64 6.54
N TRP A 220 -15.17 -25.96 6.56
CA TRP A 220 -15.04 -24.69 7.25
C TRP A 220 -15.49 -23.50 6.41
N MET A 221 -15.96 -23.77 5.20
CA MET A 221 -16.59 -22.75 4.38
C MET A 221 -18.10 -22.94 4.33
N SER A 222 -18.85 -21.89 4.68
CA SER A 222 -20.31 -21.95 4.70
C SER A 222 -20.87 -21.68 3.31
N ASP A 223 -22.19 -21.82 3.17
CA ASP A 223 -22.89 -21.46 1.93
C ASP A 223 -22.72 -19.98 1.62
N ASP A 224 -22.79 -19.15 2.65
CA ASP A 224 -22.58 -17.72 2.47
C ASP A 224 -21.16 -17.44 2.00
N HIS A 225 -20.20 -18.15 2.60
CA HIS A 225 -18.80 -18.02 2.20
C HIS A 225 -18.61 -18.38 0.74
N ARG A 226 -19.18 -19.51 0.31
CA ARG A 226 -19.06 -19.92 -1.08
C ARG A 226 -19.73 -18.94 -2.01
N ARG A 227 -20.74 -18.24 -1.51
CA ARG A 227 -21.47 -17.25 -2.28
C ARG A 227 -20.64 -15.99 -2.46
N ARG A 228 -20.07 -15.50 -1.37
CA ARG A 228 -19.20 -14.34 -1.41
C ARG A 228 -18.02 -14.55 -2.35
N MET A 229 -17.39 -15.72 -2.25
CA MET A 229 -16.31 -16.12 -3.13
C MET A 229 -16.70 -16.08 -4.60
N GLN A 230 -17.87 -16.63 -4.92
CA GLN A 230 -18.31 -16.67 -6.30
C GLN A 230 -18.42 -15.25 -6.85
N ASP A 231 -18.91 -14.33 -6.02
CA ASP A 231 -18.96 -12.92 -6.41
C ASP A 231 -17.56 -12.35 -6.64
N ILE A 232 -16.62 -12.75 -5.78
CA ILE A 232 -15.23 -12.32 -5.91
C ILE A 232 -14.64 -12.89 -7.20
N ALA A 233 -15.03 -14.11 -7.55
CA ALA A 233 -14.55 -14.77 -8.76
C ALA A 233 -15.09 -14.09 -10.02
N ASP A 234 -16.35 -13.67 -9.98
CA ASP A 234 -16.97 -12.98 -11.12
C ASP A 234 -16.43 -11.56 -11.24
N ARG A 235 -16.16 -10.94 -10.09
CA ARG A 235 -15.57 -9.61 -10.11
C ARG A 235 -14.22 -9.68 -10.83
N LEU A 236 -13.39 -10.63 -10.42
CA LEU A 236 -12.09 -10.82 -11.06
C LEU A 236 -12.23 -11.21 -12.53
N GLY A 237 -13.22 -12.05 -12.82
CA GLY A 237 -13.52 -12.44 -14.19
C GLY A 237 -13.78 -11.24 -15.09
N ARG A 238 -14.58 -10.30 -14.60
CA ARG A 238 -14.84 -9.05 -15.31
C ARG A 238 -13.57 -8.21 -15.48
N GLY A 239 -12.59 -8.44 -14.62
CA GLY A 239 -11.34 -7.71 -14.68
C GLY A 239 -10.45 -8.21 -15.81
N LEU A 240 -10.36 -9.53 -15.93
CA LEU A 240 -9.64 -10.16 -17.03
C LEU A 240 -10.25 -9.76 -18.37
N ASP A 241 -11.57 -9.59 -18.38
CA ASP A 241 -12.28 -9.11 -19.56
C ASP A 241 -11.79 -7.72 -19.94
N GLU A 242 -11.63 -6.85 -18.96
CA GLU A 242 -11.17 -5.50 -19.20
C GLU A 242 -9.69 -5.48 -19.58
N ILE A 243 -8.89 -6.28 -18.90
CA ILE A 243 -7.50 -6.44 -19.28
C ILE A 243 -7.39 -6.79 -20.76
N ASP A 244 -8.22 -7.72 -21.20
CA ASP A 244 -8.16 -8.19 -22.58
C ASP A 244 -8.48 -7.11 -23.60
N ALA A 245 -9.55 -6.36 -23.37
CA ALA A 245 -9.85 -5.20 -24.22
C ALA A 245 -8.71 -4.17 -24.24
N CYS A 246 -8.08 -3.93 -23.09
CA CYS A 246 -6.95 -3.02 -22.99
C CYS A 246 -5.76 -3.47 -23.79
N ILE A 247 -5.49 -4.78 -23.74
CA ILE A 247 -4.37 -5.34 -24.50
C ILE A 247 -4.59 -5.07 -25.99
N ALA A 248 -5.78 -5.36 -26.48
CA ALA A 248 -6.12 -5.11 -27.88
C ALA A 248 -5.93 -3.64 -28.25
N ARG A 249 -6.30 -2.75 -27.33
CA ARG A 249 -6.17 -1.32 -27.56
C ARG A 249 -4.69 -0.90 -27.66
N THR A 250 -3.83 -1.47 -26.81
CA THR A 250 -2.41 -1.13 -26.85
C THR A 250 -1.78 -1.54 -28.18
N GLY A 251 -2.27 -2.63 -28.76
CA GLY A 251 -1.80 -3.09 -30.05
C GLY A 251 -2.29 -2.17 -31.17
N ILE A 252 -3.55 -1.74 -31.08
CA ILE A 252 -4.07 -0.83 -32.07
C ILE A 252 -3.37 0.51 -31.98
N MET A 253 -3.11 0.95 -30.75
CA MET A 253 -2.44 2.23 -30.55
C MET A 253 -1.02 2.24 -31.10
N ALA A 254 -0.28 1.16 -30.88
CA ALA A 254 1.08 1.07 -31.42
C ALA A 254 1.03 1.20 -32.94
N ASP A 255 0.12 0.47 -33.58
CA ASP A 255 -0.02 0.51 -35.03
C ASP A 255 -0.29 1.92 -35.54
N GLU A 256 -1.22 2.62 -34.90
CA GLU A 256 -1.60 3.96 -35.38
C GLU A 256 -0.57 5.02 -35.04
N ILE A 257 0.20 4.76 -34.00
CA ILE A 257 1.31 5.62 -33.62
C ILE A 257 2.36 5.60 -34.73
N ALA A 258 2.53 4.43 -35.34
CA ALA A 258 3.49 4.26 -36.42
C ALA A 258 3.06 5.07 -37.64
N GLN A 259 1.75 5.24 -37.79
CA GLN A 259 1.21 6.00 -38.90
C GLN A 259 1.46 7.49 -38.68
N VAL A 260 1.24 7.94 -37.46
CA VAL A 260 1.52 9.32 -37.10
C VAL A 260 2.97 9.66 -37.40
N MET A 261 3.88 8.81 -36.96
CA MET A 261 5.31 9.01 -37.22
C MET A 261 5.66 9.07 -38.72
N GLN A 262 5.07 8.17 -39.51
CA GLN A 262 5.31 8.17 -40.95
C GLN A 262 4.77 9.44 -41.60
N GLU A 263 3.71 9.99 -41.04
CA GLU A 263 3.18 11.26 -41.55
C GLU A 263 4.18 12.35 -41.22
N SER A 264 5.18 11.99 -40.41
CA SER A 264 6.29 12.87 -40.06
C SER A 264 5.87 14.30 -39.77
N GLY B 1 17.80 15.73 -18.81
CA GLY B 1 17.23 16.81 -19.59
C GLY B 1 16.67 16.34 -20.92
N HIS B 2 15.90 15.26 -20.87
CA HIS B 2 15.27 14.70 -22.07
C HIS B 2 13.96 15.44 -22.32
N MET B 3 13.54 16.26 -21.37
CA MET B 3 12.30 17.00 -21.53
C MET B 3 12.56 18.47 -21.80
N GLU B 4 11.69 19.06 -22.61
CA GLU B 4 11.85 20.43 -23.04
C GLU B 4 11.37 21.40 -21.96
N ALA B 5 11.96 22.59 -21.94
CA ALA B 5 11.70 23.56 -20.89
C ALA B 5 10.27 24.09 -20.87
N ILE B 6 9.86 24.60 -19.72
CA ILE B 6 8.55 25.21 -19.55
C ILE B 6 8.76 26.71 -19.40
N LYS B 7 7.79 27.49 -19.87
CA LYS B 7 7.97 28.94 -19.96
C LYS B 7 8.18 29.61 -18.61
N GLY B 8 7.48 29.16 -17.58
CA GLY B 8 7.50 29.84 -16.30
C GLY B 8 6.39 30.88 -16.32
N SER B 9 6.03 31.29 -17.53
CA SER B 9 4.83 32.08 -17.76
C SER B 9 3.66 31.12 -17.72
N ASP B 10 3.90 29.90 -18.20
CA ASP B 10 2.88 28.86 -18.26
C ASP B 10 2.61 28.25 -16.88
N VAL B 11 3.36 28.70 -15.88
CA VAL B 11 3.26 28.14 -14.54
C VAL B 11 3.23 29.22 -13.48
N ASN B 12 2.49 30.30 -13.73
CA ASN B 12 2.32 31.35 -12.72
C ASN B 12 0.88 31.47 -12.24
N VAL B 13 0.67 31.22 -10.96
CA VAL B 13 -0.63 31.33 -10.32
C VAL B 13 -0.52 32.31 -9.16
N PRO B 14 -1.09 33.51 -9.33
CA PRO B 14 -0.95 34.61 -8.37
C PRO B 14 -1.18 34.18 -6.92
N ASP B 15 -2.24 33.42 -6.67
CA ASP B 15 -2.59 33.00 -5.30
C ASP B 15 -1.86 31.73 -4.85
N ALA B 16 -0.83 31.35 -5.59
CA ALA B 16 0.00 30.21 -5.23
C ALA B 16 0.62 30.46 -3.86
N VAL B 17 0.50 29.48 -2.97
CA VAL B 17 1.11 29.57 -1.65
C VAL B 17 2.53 30.06 -1.86
N PHE B 18 3.30 29.30 -2.62
CA PHE B 18 4.53 29.80 -3.21
C PHE B 18 4.87 29.08 -4.49
N ALA B 19 5.44 29.83 -5.43
CA ALA B 19 5.97 29.27 -6.66
C ALA B 19 7.46 29.55 -6.66
N TRP B 20 8.26 28.49 -6.63
CA TRP B 20 9.70 28.66 -6.55
C TRP B 20 10.44 28.01 -7.71
N LEU B 21 11.62 28.54 -8.01
CA LEU B 21 12.54 27.92 -8.94
C LEU B 21 13.77 27.52 -8.15
N LEU B 22 14.14 26.24 -8.18
CA LEU B 22 15.33 25.80 -7.45
C LEU B 22 16.59 26.17 -8.23
N ASP B 23 17.68 26.40 -7.51
CA ASP B 23 18.92 26.85 -8.14
C ASP B 23 19.91 25.70 -8.33
N GLY B 24 19.47 24.48 -8.10
CA GLY B 24 20.32 23.32 -8.30
C GLY B 24 21.53 23.32 -7.39
N ARG B 25 21.50 24.13 -6.34
CA ARG B 25 22.55 24.10 -5.34
C ARG B 25 22.03 24.16 -3.90
N GLY B 26 20.75 23.85 -3.73
CA GLY B 26 20.15 23.79 -2.40
C GLY B 26 19.30 25.00 -2.04
N GLY B 27 19.22 25.96 -2.97
CA GLY B 27 18.44 27.15 -2.73
C GLY B 27 17.34 27.38 -3.75
N VAL B 28 16.60 28.46 -3.55
CA VAL B 28 15.50 28.82 -4.44
C VAL B 28 15.46 30.32 -4.68
N LYS B 29 14.75 30.74 -5.72
CA LYS B 29 14.38 32.13 -5.92
C LYS B 29 12.91 32.13 -6.29
N PRO B 30 12.19 33.22 -5.99
CA PRO B 30 10.78 33.28 -6.38
C PRO B 30 10.64 33.15 -7.89
N LEU B 31 9.63 32.42 -8.36
CA LEU B 31 9.47 32.23 -9.80
C LEU B 31 9.08 33.51 -10.53
N GLU B 32 9.50 33.63 -11.78
CA GLU B 32 9.17 34.78 -12.62
C GLU B 32 8.84 34.35 -14.04
N ASP B 33 8.13 35.23 -14.76
CA ASP B 33 7.59 34.88 -16.07
C ASP B 33 8.64 34.53 -17.12
N ASN B 34 9.74 35.28 -17.16
CA ASN B 34 10.80 35.03 -18.14
C ASN B 34 11.67 33.83 -17.82
N ASP B 35 11.63 33.41 -16.56
CA ASP B 35 12.44 32.29 -16.09
C ASP B 35 12.27 31.02 -16.92
N VAL B 36 13.35 30.25 -17.03
CA VAL B 36 13.32 28.98 -17.75
C VAL B 36 13.28 27.81 -16.75
N ILE B 37 12.34 26.90 -16.97
CA ILE B 37 12.17 25.75 -16.09
C ILE B 37 12.60 24.45 -16.75
N ASP B 38 13.48 23.71 -16.08
CA ASP B 38 13.91 22.42 -16.60
C ASP B 38 14.48 21.56 -15.49
N SER B 39 15.03 20.42 -15.87
CA SER B 39 15.51 19.40 -14.93
C SER B 39 16.61 19.92 -14.02
N GLN B 40 17.44 20.82 -14.55
CA GLN B 40 18.51 21.40 -13.74
C GLN B 40 17.95 22.48 -12.84
N HIS B 41 16.98 23.23 -13.35
CA HIS B 41 16.35 24.27 -12.54
C HIS B 41 14.85 24.03 -12.47
N PRO B 42 14.45 23.04 -11.65
CA PRO B 42 13.04 22.66 -11.52
C PRO B 42 12.28 23.73 -10.80
N CYS B 43 10.97 23.68 -10.93
CA CYS B 43 10.09 24.61 -10.25
C CYS B 43 9.20 23.83 -9.28
N TRP B 44 8.95 24.42 -8.12
CA TRP B 44 7.98 23.87 -7.17
C TRP B 44 6.81 24.83 -7.04
N LEU B 45 5.64 24.40 -7.51
CA LEU B 45 4.43 25.18 -7.32
C LEU B 45 3.60 24.52 -6.22
N HIS B 46 3.34 25.27 -5.15
CA HIS B 46 2.57 24.73 -4.04
C HIS B 46 1.21 25.41 -3.95
N LEU B 47 0.16 24.61 -4.10
CA LEU B 47 -1.19 25.15 -4.21
C LEU B 47 -2.14 24.78 -3.07
N ASN B 48 -3.00 25.74 -2.73
CA ASN B 48 -4.20 25.47 -1.98
C ASN B 48 -5.32 25.26 -2.99
N TYR B 49 -5.62 24.00 -3.31
CA TYR B 49 -6.53 23.67 -4.40
C TYR B 49 -7.94 24.24 -4.24
N THR B 50 -8.13 25.01 -3.17
CA THR B 50 -9.38 25.73 -2.95
C THR B 50 -9.38 27.06 -3.69
N HIS B 51 -8.29 27.81 -3.59
CA HIS B 51 -8.20 29.13 -4.23
C HIS B 51 -8.58 29.10 -5.71
N PRO B 52 -9.23 30.17 -6.19
CA PRO B 52 -9.84 30.30 -7.52
C PRO B 52 -8.86 30.10 -8.68
N ASP B 53 -7.75 30.83 -8.63
CA ASP B 53 -6.76 30.78 -9.69
C ASP B 53 -6.12 29.40 -9.73
N SER B 54 -5.80 28.88 -8.55
CA SER B 54 -5.18 27.57 -8.41
C SER B 54 -6.07 26.47 -9.00
N ALA B 55 -7.34 26.46 -8.59
CA ALA B 55 -8.32 25.51 -9.10
C ALA B 55 -8.52 25.62 -10.62
N ARG B 56 -8.69 26.84 -11.12
CA ARG B 56 -8.86 27.06 -12.55
C ARG B 56 -7.63 26.56 -13.30
N TRP B 57 -6.46 26.90 -12.76
CA TRP B 57 -5.20 26.47 -13.33
C TRP B 57 -5.13 24.95 -13.36
N LEU B 58 -5.37 24.33 -12.20
CA LEU B 58 -5.32 22.87 -12.09
C LEU B 58 -6.28 22.24 -13.09
N ALA B 59 -7.36 22.95 -13.38
CA ALA B 59 -8.39 22.44 -14.28
C ALA B 59 -7.99 22.61 -15.75
N SER B 60 -7.37 23.75 -16.06
CA SER B 60 -7.13 24.13 -17.44
C SER B 60 -5.75 23.79 -17.97
N THR B 61 -4.71 24.08 -17.18
CA THR B 61 -3.33 23.93 -17.63
C THR B 61 -3.06 22.62 -18.38
N PRO B 62 -2.37 22.71 -19.53
CA PRO B 62 -1.99 21.56 -20.34
C PRO B 62 -0.76 20.84 -19.79
N LEU B 63 -0.20 21.37 -18.70
CA LEU B 63 1.00 20.79 -18.11
C LEU B 63 0.67 19.51 -17.37
N LEU B 64 -0.61 19.35 -17.04
CA LEU B 64 -1.09 18.21 -16.27
C LEU B 64 -1.97 17.32 -17.14
N PRO B 65 -1.71 16.00 -17.12
CA PRO B 65 -2.62 15.07 -17.78
C PRO B 65 -4.01 15.24 -17.21
N ASN B 66 -5.03 14.83 -17.95
CA ASN B 66 -6.40 15.02 -17.51
C ASN B 66 -6.77 14.09 -16.37
N ASN B 67 -6.24 12.88 -16.41
CA ASN B 67 -6.56 11.87 -15.42
C ASN B 67 -5.91 12.05 -14.06
N VAL B 68 -5.15 13.13 -13.89
CA VAL B 68 -4.58 13.44 -12.58
C VAL B 68 -5.17 14.75 -12.09
N ARG B 69 -5.99 15.34 -12.93
CA ARG B 69 -6.56 16.65 -12.64
C ARG B 69 -7.49 16.57 -11.42
N ASP B 70 -8.37 15.59 -11.41
CA ASP B 70 -9.34 15.43 -10.32
C ASP B 70 -8.67 15.16 -8.97
N ALA B 71 -7.64 14.32 -8.97
CA ALA B 71 -6.91 13.98 -7.75
C ALA B 71 -6.31 15.20 -7.06
N LEU B 72 -5.62 16.04 -7.82
CA LEU B 72 -4.98 17.23 -7.25
C LEU B 72 -6.03 18.20 -6.73
N ALA B 73 -7.28 17.97 -7.09
CA ALA B 73 -8.39 18.79 -6.63
C ALA B 73 -8.97 18.27 -5.32
N GLY B 74 -8.41 17.18 -4.82
CA GLY B 74 -8.85 16.60 -3.56
C GLY B 74 -9.56 15.27 -3.70
N GLU B 75 -9.76 14.83 -4.94
CA GLU B 75 -10.45 13.58 -5.22
C GLU B 75 -9.50 12.40 -5.10
N SER B 76 -8.98 12.21 -3.89
CA SER B 76 -8.09 11.09 -3.58
C SER B 76 -7.93 11.03 -2.08
N SER B 77 -7.94 9.82 -1.52
CA SER B 77 -7.84 9.67 -0.08
C SER B 77 -6.61 8.87 0.32
N ARG B 78 -6.55 7.64 -0.16
CA ARG B 78 -5.48 6.71 0.22
C ARG B 78 -4.12 7.12 -0.34
N PRO B 79 -3.06 6.98 0.47
CA PRO B 79 -1.72 7.15 -0.05
C PRO B 79 -1.56 6.27 -1.29
N ARG B 80 -0.82 6.76 -2.29
CA ARG B 80 -0.75 6.07 -3.58
C ARG B 80 0.25 6.73 -4.53
N VAL B 81 0.89 5.91 -5.36
CA VAL B 81 1.74 6.41 -6.42
C VAL B 81 1.23 5.85 -7.76
N SER B 82 1.10 6.72 -8.77
CA SER B 82 0.67 6.30 -10.11
C SER B 82 1.54 6.93 -11.19
N ARG B 83 2.12 6.10 -12.06
CA ARG B 83 2.94 6.61 -13.15
C ARG B 83 2.11 6.95 -14.39
N MET B 84 2.04 8.24 -14.70
CA MET B 84 1.22 8.75 -15.79
C MET B 84 2.02 8.99 -17.08
N GLY B 85 3.03 8.16 -17.30
CA GLY B 85 3.90 8.34 -18.44
C GLY B 85 5.15 9.08 -18.02
N GLU B 86 5.24 10.34 -18.43
CA GLU B 86 6.37 11.20 -18.03
C GLU B 86 6.27 11.61 -16.56
N GLY B 87 5.05 11.86 -16.09
CA GLY B 87 4.84 12.28 -14.72
C GLY B 87 4.44 11.18 -13.76
N THR B 88 4.43 11.51 -12.47
CA THR B 88 4.00 10.59 -11.45
C THR B 88 3.04 11.31 -10.51
N LEU B 89 1.95 10.65 -10.16
CA LEU B 89 0.97 11.19 -9.23
C LEU B 89 1.15 10.56 -7.86
N ILE B 90 1.28 11.37 -6.83
CA ILE B 90 1.45 10.84 -5.49
C ILE B 90 0.45 11.43 -4.52
N THR B 91 -0.25 10.57 -3.80
CA THR B 91 -1.07 10.99 -2.68
C THR B 91 -0.38 10.58 -1.38
N LEU B 92 -0.22 11.53 -0.45
CA LEU B 92 0.46 11.26 0.82
C LEU B 92 -0.30 11.83 2.02
N ARG B 93 -0.18 11.17 3.15
CA ARG B 93 -0.78 11.65 4.40
C ARG B 93 0.27 12.05 5.45
N CYS B 94 -0.13 12.96 6.33
CA CYS B 94 0.64 13.31 7.52
C CYS B 94 -0.33 13.27 8.70
N ILE B 95 0.18 13.16 9.92
CA ILE B 95 -0.66 13.24 11.10
C ILE B 95 -0.41 14.57 11.82
N LEU B 106 -5.47 14.09 10.44
CA LEU B 106 -4.79 13.46 9.32
C LEU B 106 -4.90 14.32 8.06
N VAL B 107 -3.81 14.99 7.69
CA VAL B 107 -3.79 15.85 6.51
C VAL B 107 -3.31 15.10 5.26
N ALA B 108 -3.77 15.54 4.11
CA ALA B 108 -3.37 14.92 2.85
C ALA B 108 -2.59 15.89 1.99
N MET B 109 -1.60 15.36 1.30
CA MET B 109 -0.82 16.14 0.36
C MET B 109 -0.87 15.42 -0.98
N ARG B 110 -1.02 16.18 -2.06
CA ARG B 110 -1.14 15.58 -3.37
C ARG B 110 -0.24 16.33 -4.33
N LEU B 111 0.41 15.58 -5.22
CA LEU B 111 1.39 16.19 -6.11
C LEU B 111 1.46 15.44 -7.45
N TYR B 112 1.76 16.21 -8.49
CA TYR B 112 2.18 15.64 -9.76
C TYR B 112 3.54 16.22 -10.09
N MET B 113 4.46 15.37 -10.52
CA MET B 113 5.80 15.85 -10.81
C MET B 113 6.50 15.06 -11.91
N ASP B 114 7.39 15.76 -12.61
CA ASP B 114 8.37 15.14 -13.48
C ASP B 114 9.73 15.76 -13.18
N GLU B 115 10.66 15.64 -14.11
CA GLU B 115 12.03 16.11 -13.88
C GLU B 115 12.13 17.63 -13.76
N ARG B 116 11.14 18.34 -14.29
CA ARG B 116 11.25 19.79 -14.46
C ARG B 116 10.45 20.55 -13.42
N PHE B 117 9.33 19.98 -13.03
CA PHE B 117 8.48 20.69 -12.11
C PHE B 117 7.66 19.79 -11.19
N ILE B 118 7.24 20.40 -10.08
CA ILE B 118 6.39 19.76 -9.11
C ILE B 118 5.23 20.71 -8.84
N VAL B 119 4.00 20.20 -8.98
CA VAL B 119 2.85 20.90 -8.43
C VAL B 119 2.27 20.07 -7.30
N SER B 120 2.28 20.61 -6.09
CA SER B 120 1.69 19.95 -4.96
C SER B 120 0.48 20.75 -4.52
N THR B 121 -0.49 20.08 -3.92
CA THR B 121 -1.73 20.74 -3.49
C THR B 121 -2.16 20.28 -2.11
N ARG B 122 -2.81 21.17 -1.38
CA ARG B 122 -3.47 20.81 -0.12
C ARG B 122 -4.50 21.86 0.25
N GLN B 123 -5.39 21.50 1.17
CA GLN B 123 -6.30 22.47 1.79
C GLN B 123 -5.72 22.89 3.15
N ARG B 124 -5.75 21.96 4.10
CA ARG B 124 -5.11 22.19 5.39
C ARG B 124 -3.59 22.11 5.23
N LYS B 125 -2.87 22.85 6.05
CA LYS B 125 -1.40 22.89 5.98
C LYS B 125 -0.71 21.57 6.34
N VAL B 126 0.35 21.26 5.60
CA VAL B 126 1.18 20.11 5.90
C VAL B 126 2.47 20.59 6.56
N LEU B 127 2.50 20.57 7.89
CA LEU B 127 3.63 21.07 8.65
C LEU B 127 4.97 20.51 8.19
N ALA B 128 4.98 19.23 7.82
CA ALA B 128 6.19 18.57 7.34
C ALA B 128 6.93 19.40 6.29
N LEU B 129 6.19 19.98 5.36
CA LEU B 129 6.80 20.79 4.30
C LEU B 129 7.67 21.93 4.85
N ASP B 130 7.39 22.38 6.07
CA ASP B 130 8.11 23.51 6.65
C ASP B 130 9.61 23.24 6.74
N ASP B 131 9.96 21.98 6.85
CA ASP B 131 11.36 21.57 6.95
C ASP B 131 12.02 21.62 5.60
N VAL B 132 11.25 21.32 4.56
CA VAL B 132 11.78 21.39 3.21
C VAL B 132 11.93 22.85 2.80
N VAL B 133 10.89 23.64 3.08
CA VAL B 133 10.89 25.06 2.74
C VAL B 133 11.99 25.82 3.47
N SER B 134 12.14 25.58 4.77
CA SER B 134 13.19 26.21 5.54
C SER B 134 14.56 25.94 4.91
N ASP B 135 14.85 24.66 4.66
CA ASP B 135 16.09 24.26 4.01
C ASP B 135 16.34 25.07 2.74
N LEU B 136 15.33 25.15 1.88
CA LEU B 136 15.45 25.91 0.65
C LEU B 136 15.73 27.40 0.92
N GLN B 137 15.00 27.97 1.87
CA GLN B 137 15.15 29.37 2.24
C GLN B 137 16.56 29.66 2.75
N GLU B 138 17.34 28.60 2.95
CA GLU B 138 18.67 28.75 3.54
C GLU B 138 19.77 28.07 2.71
N GLY B 139 19.41 27.62 1.52
CA GLY B 139 20.37 27.06 0.60
C GLY B 139 20.85 25.67 0.96
N THR B 140 20.08 25.00 1.83
CA THR B 140 20.42 23.66 2.26
C THR B 140 19.35 22.64 1.86
N GLY B 141 18.38 23.08 1.06
CA GLY B 141 17.32 22.21 0.60
C GLY B 141 17.73 21.28 -0.52
N PRO B 142 16.74 20.70 -1.22
CA PRO B 142 17.00 19.82 -2.36
C PRO B 142 17.55 20.58 -3.55
N VAL B 143 18.28 19.89 -4.44
CA VAL B 143 18.89 20.54 -5.60
C VAL B 143 18.23 20.10 -6.89
N ASP B 144 17.38 19.08 -6.81
CA ASP B 144 16.63 18.60 -7.96
C ASP B 144 15.34 17.91 -7.50
N CYS B 145 14.50 17.50 -8.45
CA CYS B 145 13.18 16.95 -8.13
C CYS B 145 13.24 15.68 -7.29
N GLY B 146 14.22 14.83 -7.57
CA GLY B 146 14.36 13.58 -6.85
C GLY B 146 14.78 13.81 -5.41
N GLY B 147 15.62 14.82 -5.20
CA GLY B 147 16.06 15.15 -3.86
C GLY B 147 14.92 15.76 -3.05
N TRP B 148 14.03 16.44 -3.75
CA TRP B 148 12.89 17.06 -3.11
C TRP B 148 11.92 16.00 -2.59
N LEU B 149 11.62 15.03 -3.44
CA LEU B 149 10.65 13.99 -3.08
C LEU B 149 11.14 13.20 -1.88
N VAL B 150 12.45 12.99 -1.81
CA VAL B 150 13.07 12.23 -0.74
C VAL B 150 13.00 13.01 0.57
N ASP B 151 13.36 14.29 0.51
CA ASP B 151 13.34 15.13 1.69
C ASP B 151 11.93 15.32 2.24
N VAL B 152 10.96 15.30 1.33
CA VAL B 152 9.57 15.45 1.70
C VAL B 152 9.04 14.21 2.43
N CYS B 153 9.33 13.04 1.87
CA CYS B 153 8.93 11.79 2.50
C CYS B 153 9.64 11.62 3.83
N ASP B 154 10.93 11.95 3.84
CA ASP B 154 11.72 11.90 5.05
C ASP B 154 11.04 12.72 6.15
N ALA B 155 10.68 13.95 5.81
CA ALA B 155 10.01 14.83 6.75
C ALA B 155 8.66 14.29 7.25
N LEU B 156 7.90 13.61 6.39
CA LEU B 156 6.60 13.09 6.79
C LEU B 156 6.77 11.89 7.70
N THR B 157 7.72 11.03 7.35
CA THR B 157 8.06 9.89 8.16
C THR B 157 8.54 10.35 9.53
N ASP B 158 9.24 11.48 9.55
CA ASP B 158 9.72 12.04 10.82
C ASP B 158 8.57 12.44 11.74
N HIS B 159 7.62 13.19 11.21
CA HIS B 159 6.44 13.58 11.97
C HIS B 159 5.62 12.39 12.45
N ALA B 160 5.46 11.40 11.58
CA ALA B 160 4.68 10.20 11.89
C ALA B 160 5.35 9.43 13.01
N SER B 161 6.67 9.28 12.88
CA SER B 161 7.49 8.56 13.84
C SER B 161 7.45 9.21 15.22
N GLU B 162 7.52 10.54 15.25
CA GLU B 162 7.47 11.29 16.51
C GLU B 162 6.13 11.10 17.19
N PHE B 163 5.09 10.98 16.38
CA PHE B 163 3.73 10.83 16.87
C PHE B 163 3.53 9.41 17.41
N ILE B 164 4.04 8.44 16.68
CA ILE B 164 4.00 7.05 17.11
C ILE B 164 4.66 6.90 18.48
N GLU B 165 5.85 7.47 18.62
CA GLU B 165 6.60 7.42 19.86
C GLU B 165 5.83 8.06 20.99
N GLU B 166 5.16 9.17 20.70
CA GLU B 166 4.39 9.91 21.69
C GLU B 166 3.19 9.08 22.15
N LEU B 167 2.63 8.30 21.23
CA LEU B 167 1.49 7.46 21.54
C LEU B 167 1.93 6.37 22.52
N HIS B 168 3.06 5.72 22.23
CA HIS B 168 3.60 4.69 23.11
C HIS B 168 3.82 5.20 24.51
N ASP B 169 4.52 6.33 24.63
CA ASP B 169 4.78 6.94 25.93
C ASP B 169 3.51 7.26 26.70
N LYS B 170 2.43 7.60 26.00
CA LYS B 170 1.17 7.87 26.66
C LYS B 170 0.65 6.61 27.35
N ILE B 171 0.81 5.48 26.66
CA ILE B 171 0.40 4.21 27.20
C ILE B 171 1.30 3.79 28.38
N ILE B 172 2.58 4.08 28.30
CA ILE B 172 3.47 3.85 29.43
C ILE B 172 3.05 4.67 30.65
N ASP B 173 2.76 5.96 30.43
CA ASP B 173 2.27 6.80 31.51
C ASP B 173 1.03 6.17 32.14
N LEU B 174 0.23 5.52 31.32
CA LEU B 174 -1.00 4.90 31.80
C LEU B 174 -0.64 3.71 32.69
N GLU B 175 0.36 2.95 32.26
CA GLU B 175 0.81 1.76 32.97
C GLU B 175 1.43 2.11 34.33
N ASP B 176 2.10 3.25 34.39
CA ASP B 176 2.74 3.70 35.63
C ASP B 176 1.67 4.03 36.66
N ASN B 177 0.62 4.71 36.21
CA ASN B 177 -0.51 5.03 37.09
C ASN B 177 -1.21 3.77 37.60
N LEU B 178 -1.39 2.78 36.72
CA LEU B 178 -2.03 1.53 37.09
C LEU B 178 -1.20 0.76 38.12
N LEU B 179 0.08 1.09 38.19
CA LEU B 179 0.95 0.53 39.21
C LEU B 179 0.71 1.22 40.55
N ASP B 180 0.27 2.47 40.48
CA ASP B 180 -0.10 3.23 41.67
C ASP B 180 -1.57 2.99 42.01
N GLN B 181 -2.11 1.89 41.52
CA GLN B 181 -3.51 1.55 41.77
C GLN B 181 -3.69 0.06 42.01
N PRO B 185 -9.49 5.96 33.65
CA PRO B 185 -10.28 7.11 33.17
C PRO B 185 -11.03 6.75 31.88
N ARG B 186 -12.26 6.27 32.02
CA ARG B 186 -12.98 5.62 30.93
C ARG B 186 -12.91 6.35 29.59
N GLY B 187 -12.63 5.58 28.54
CA GLY B 187 -12.55 6.11 27.19
C GLY B 187 -11.15 6.53 26.83
N PHE B 188 -10.33 6.80 27.82
CA PHE B 188 -8.97 7.25 27.57
C PHE B 188 -8.24 6.20 26.75
N LEU B 189 -8.28 4.96 27.24
CA LEU B 189 -7.70 3.82 26.55
C LEU B 189 -8.32 3.62 25.17
N ALA B 190 -9.64 3.77 25.10
CA ALA B 190 -10.36 3.54 23.86
C ALA B 190 -9.99 4.57 22.79
N LEU B 191 -9.79 5.82 23.21
CA LEU B 191 -9.35 6.87 22.31
C LEU B 191 -7.96 6.56 21.77
N LEU B 192 -7.04 6.23 22.68
CA LEU B 192 -5.70 5.86 22.28
C LEU B 192 -5.72 4.79 21.20
N ARG B 193 -6.46 3.73 21.48
CA ARG B 193 -6.61 2.61 20.56
C ARG B 193 -7.15 3.10 19.21
N LYS B 194 -8.17 3.94 19.26
CA LYS B 194 -8.73 4.53 18.05
C LYS B 194 -7.67 5.30 17.27
N GLN B 195 -6.79 6.00 17.98
CA GLN B 195 -5.75 6.79 17.32
C GLN B 195 -4.72 5.89 16.66
N LEU B 196 -4.34 4.83 17.36
CA LEU B 196 -3.36 3.89 16.84
C LEU B 196 -3.83 3.23 15.54
N ILE B 197 -5.10 2.91 15.46
CA ILE B 197 -5.66 2.21 14.30
C ILE B 197 -5.84 3.13 13.11
N VAL B 198 -6.26 4.37 13.36
CA VAL B 198 -6.27 5.39 12.33
C VAL B 198 -4.88 5.50 11.74
N MET B 199 -3.89 5.61 12.62
CA MET B 199 -2.49 5.64 12.15
C MET B 199 -2.18 4.43 11.29
N ARG B 200 -2.51 3.23 11.77
CA ARG B 200 -2.16 2.02 11.03
C ARG B 200 -2.84 1.97 9.66
N ARG B 201 -4.05 2.49 9.61
CA ARG B 201 -4.85 2.50 8.40
C ARG B 201 -4.14 3.26 7.30
N TYR B 202 -3.65 4.44 7.66
CA TYR B 202 -3.03 5.33 6.68
C TYR B 202 -1.59 4.95 6.38
N MET B 203 -0.85 4.49 7.38
CA MET B 203 0.58 4.31 7.22
C MET B 203 0.98 3.04 6.46
N ALA B 204 0.14 2.01 6.50
CA ALA B 204 0.43 0.79 5.74
C ALA B 204 0.58 1.07 4.24
N PRO B 205 -0.42 1.74 3.62
CA PRO B 205 -0.35 2.06 2.20
C PRO B 205 0.81 3.00 1.90
N GLN B 206 1.03 3.97 2.78
CA GLN B 206 2.06 4.96 2.51
C GLN B 206 3.43 4.30 2.49
N ARG B 207 3.62 3.32 3.35
CA ARG B 207 4.87 2.56 3.37
C ARG B 207 5.04 1.87 2.03
N ASP B 208 3.93 1.39 1.47
CA ASP B 208 3.96 0.79 0.14
C ASP B 208 4.40 1.79 -0.92
N VAL B 209 3.99 3.04 -0.76
CA VAL B 209 4.34 4.08 -1.70
C VAL B 209 5.84 4.33 -1.65
N TYR B 210 6.37 4.51 -0.44
CA TYR B 210 7.80 4.72 -0.29
C TYR B 210 8.56 3.54 -0.87
N ALA B 211 8.04 2.34 -0.66
CA ALA B 211 8.66 1.12 -1.17
C ALA B 211 8.70 1.11 -2.70
N ARG B 212 7.62 1.59 -3.32
CA ARG B 212 7.58 1.70 -4.78
C ARG B 212 8.62 2.70 -5.30
N LEU B 213 8.55 3.95 -4.84
CA LEU B 213 9.52 4.96 -5.23
C LEU B 213 10.95 4.44 -5.13
N ALA B 214 11.19 3.51 -4.23
CA ALA B 214 12.53 2.96 -4.05
C ALA B 214 12.84 1.84 -5.05
N SER B 215 11.79 1.19 -5.56
CA SER B 215 11.96 0.09 -6.51
C SER B 215 11.72 0.56 -7.94
N GLU B 216 10.95 1.63 -8.08
CA GLU B 216 10.61 2.16 -9.39
C GLU B 216 11.80 2.86 -10.03
N ARG B 217 12.01 2.60 -11.32
CA ARG B 217 13.08 3.25 -12.06
C ARG B 217 12.60 4.59 -12.61
N LEU B 218 12.79 5.63 -11.82
CA LEU B 218 12.42 6.98 -12.23
C LEU B 218 13.66 7.77 -12.62
N PRO B 219 13.62 8.38 -13.82
CA PRO B 219 14.75 9.10 -14.42
C PRO B 219 15.36 10.11 -13.46
N TRP B 220 14.52 10.86 -12.77
CA TRP B 220 14.98 11.94 -11.90
C TRP B 220 15.30 11.47 -10.48
N MET B 221 15.52 10.17 -10.32
CA MET B 221 15.99 9.65 -9.04
C MET B 221 17.25 8.83 -9.20
N SER B 222 18.35 9.33 -8.64
CA SER B 222 19.59 8.59 -8.61
C SER B 222 19.39 7.25 -7.92
N ASP B 223 20.44 6.44 -7.86
CA ASP B 223 20.40 5.22 -7.08
C ASP B 223 20.45 5.58 -5.61
N ASP B 224 21.08 6.71 -5.33
CA ASP B 224 21.13 7.28 -4.00
C ASP B 224 19.73 7.63 -3.49
N HIS B 225 18.91 8.20 -4.37
CA HIS B 225 17.57 8.59 -4.00
C HIS B 225 16.75 7.36 -3.64
N ARG B 226 16.98 6.29 -4.39
CA ARG B 226 16.37 5.02 -4.08
C ARG B 226 16.92 4.51 -2.75
N ARG B 227 18.23 4.58 -2.59
CA ARG B 227 18.86 4.17 -1.34
C ARG B 227 18.14 4.81 -0.15
N ARG B 228 17.93 6.12 -0.24
CA ARG B 228 17.27 6.87 0.82
C ARG B 228 15.78 6.58 0.93
N MET B 229 15.12 6.37 -0.20
CA MET B 229 13.70 6.00 -0.17
C MET B 229 13.52 4.68 0.53
N GLN B 230 14.45 3.76 0.31
CA GLN B 230 14.40 2.46 0.96
C GLN B 230 14.48 2.63 2.47
N ASP B 231 15.41 3.48 2.92
CA ASP B 231 15.56 3.72 4.35
C ASP B 231 14.27 4.25 4.93
N ILE B 232 13.60 5.14 4.20
CA ILE B 232 12.37 5.75 4.68
C ILE B 232 11.23 4.74 4.73
N ALA B 233 11.15 3.87 3.73
CA ALA B 233 10.13 2.84 3.71
C ALA B 233 10.32 1.86 4.86
N ASP B 234 11.55 1.40 5.04
CA ASP B 234 11.86 0.46 6.11
C ASP B 234 11.54 1.07 7.46
N ARG B 235 11.72 2.40 7.54
CA ARG B 235 11.49 3.13 8.77
C ARG B 235 10.00 3.25 9.10
N LEU B 236 9.18 3.42 8.07
CA LEU B 236 7.75 3.44 8.25
C LEU B 236 7.27 2.02 8.57
N GLY B 237 7.95 1.03 8.01
CA GLY B 237 7.68 -0.36 8.33
C GLY B 237 7.82 -0.60 9.83
N ARG B 238 8.92 -0.14 10.41
CA ARG B 238 9.16 -0.24 11.83
C ARG B 238 8.06 0.46 12.63
N GLY B 239 7.65 1.62 12.15
CA GLY B 239 6.61 2.41 12.81
C GLY B 239 5.33 1.63 12.95
N LEU B 240 4.98 0.87 11.93
CA LEU B 240 3.80 0.00 11.96
C LEU B 240 3.96 -1.12 12.97
N ASP B 241 5.20 -1.55 13.21
CA ASP B 241 5.45 -2.59 14.20
C ASP B 241 5.19 -2.04 15.58
N GLU B 242 5.59 -0.79 15.77
CA GLU B 242 5.39 -0.09 17.04
C GLU B 242 3.90 0.07 17.32
N ILE B 243 3.18 0.49 16.29
CA ILE B 243 1.74 0.71 16.36
C ILE B 243 1.04 -0.59 16.75
N ASP B 244 1.43 -1.69 16.10
CA ASP B 244 0.83 -2.98 16.39
C ASP B 244 1.16 -3.40 17.82
N ALA B 245 2.36 -3.07 18.29
CA ALA B 245 2.79 -3.40 19.65
C ALA B 245 2.00 -2.61 20.66
N CYS B 246 1.81 -1.32 20.38
CA CYS B 246 0.96 -0.47 21.20
C CYS B 246 -0.49 -0.93 21.19
N ILE B 247 -0.97 -1.34 20.03
CA ILE B 247 -2.35 -1.82 19.90
C ILE B 247 -2.56 -3.03 20.80
N ALA B 248 -1.73 -4.06 20.66
CA ALA B 248 -1.76 -5.23 21.54
C ALA B 248 -1.64 -4.83 23.00
N ARG B 249 -0.81 -3.84 23.27
CA ARG B 249 -0.63 -3.38 24.64
C ARG B 249 -1.93 -2.87 25.25
N THR B 250 -2.70 -2.11 24.47
CA THR B 250 -3.96 -1.54 24.94
C THR B 250 -4.99 -2.62 25.29
N GLY B 251 -4.95 -3.74 24.57
CA GLY B 251 -5.87 -4.84 24.82
C GLY B 251 -5.61 -5.55 26.13
N ILE B 252 -4.33 -5.65 26.49
CA ILE B 252 -3.90 -6.19 27.77
C ILE B 252 -4.37 -5.26 28.87
N MET B 253 -4.10 -3.97 28.69
CA MET B 253 -4.45 -2.97 29.69
C MET B 253 -5.96 -2.89 29.90
N ALA B 254 -6.71 -3.18 28.84
CA ALA B 254 -8.16 -3.20 28.92
C ALA B 254 -8.60 -4.23 29.96
N ASP B 255 -7.78 -5.24 30.18
CA ASP B 255 -8.06 -6.27 31.19
C ASP B 255 -7.46 -5.92 32.55
N GLU B 256 -6.22 -5.43 32.55
CA GLU B 256 -5.57 -5.04 33.78
C GLU B 256 -6.44 -4.03 34.54
N ILE B 257 -7.28 -3.30 33.82
CA ILE B 257 -8.23 -2.40 34.45
C ILE B 257 -9.47 -3.18 34.86
N ALA B 258 -9.93 -4.05 33.97
CA ALA B 258 -11.10 -4.88 34.24
C ALA B 258 -11.00 -5.46 35.64
N GLN B 259 -9.85 -6.02 35.97
CA GLN B 259 -9.56 -6.44 37.33
C GLN B 259 -9.30 -5.21 38.20
N VAL B 260 -10.37 -4.48 38.49
CA VAL B 260 -10.31 -3.30 39.34
C VAL B 260 -11.63 -2.52 39.25
S SO4 C . 9.19 -8.43 8.26
O1 SO4 C . 7.89 -7.79 8.23
O2 SO4 C . 10.23 -7.43 8.55
O3 SO4 C . 9.20 -9.45 9.30
O4 SO4 C . 9.48 -9.03 6.96
S SO4 D . 4.27 -23.90 -9.20
O1 SO4 D . 4.66 -22.80 -10.06
O2 SO4 D . 5.07 -25.09 -9.48
O3 SO4 D . 4.47 -23.50 -7.80
O4 SO4 D . 2.86 -24.23 -9.42
S SO4 E . -6.23 -31.25 -5.73
O1 SO4 E . -7.35 -31.41 -4.81
O2 SO4 E . -6.03 -29.84 -6.00
O3 SO4 E . -5.01 -31.80 -5.13
O4 SO4 E . -6.53 -31.95 -6.98
ZN ZN F . -6.60 -2.09 0.40
ZN ZN G . -9.43 -0.97 -21.33
ZN ZN H . -2.46 -6.63 -3.23
ZN ZN I . -14.72 -30.31 12.16
S SO4 J . -8.60 6.82 -3.41
O1 SO4 J . -7.67 7.88 -3.81
O2 SO4 J . -8.11 5.54 -3.90
O3 SO4 J . -8.68 6.78 -1.95
O4 SO4 J . -9.92 7.09 -3.97
ZN ZN K . 4.06 0.71 22.35
ZN ZN L . 9.04 19.11 10.87
ZN ZN M . 17.85 25.53 -16.53
ZN ZN N . 15.63 14.37 -18.73
#